data_2OWS
#
_entry.id   2OWS
#
_cell.length_a   59.237
_cell.length_b   71.453
_cell.length_c   74.977
_cell.angle_alpha   90.00
_cell.angle_beta   90.00
_cell.angle_gamma   90.00
#
_symmetry.space_group_name_H-M   'P 21 21 21'
#
loop_
_entity.id
_entity.type
_entity.pdbx_description
1 polymer 'Putative iron binding protein'
2 non-polymer 'FE (III) ION'
3 non-polymer 'OXALATE ION'
4 water water
#
_entity_poly.entity_id   1
_entity_poly.type   'polypeptide(L)'
_entity_poly.pdbx_seq_one_letter_code
;GSHMSDEVSLYTTREPKLIQPLLDAFAKDSGIKVNTVFVKDGLLERVRAEGDKSPADVLMTVDIGNLIDLVNGGVTQKIQ
SQTLDSVVPANLRGAEGSWYALSLRDRVLYVEKDLKLDSFRYGDLADPKWKGKVCIRSGQHPYNTALVAAMIAHDGAEAT
EKWLRGVKANLARKAAGGDRDVARDILGGICDIGLANAYYVGHMKNAEPGTDARKWGDAIKVVRPTFATAKDGGTHVNIS
GAAVAAHAPNKANAVKLLEYLVSEPAQTLYAQANYEYPVRAGVKLDAVVASFGPLKVDTLPVAEIAKYRKQASELVDKVG
FDN
;
_entity_poly.pdbx_strand_id   A
#
loop_
_chem_comp.id
_chem_comp.type
_chem_comp.name
_chem_comp.formula
FE non-polymer 'FE (III) ION' 'Fe 3'
OXL non-polymer 'OXALATE ION' 'C2 O4 -2'
#
# COMPACT_ATOMS: atom_id res chain seq x y z
N ASP A 6 24.99 22.11 0.69
CA ASP A 6 23.60 22.00 1.21
C ASP A 6 22.90 20.82 0.53
N GLU A 7 22.69 19.75 1.29
CA GLU A 7 22.27 18.49 0.69
C GLU A 7 21.40 17.66 1.62
N VAL A 8 20.75 16.66 1.04
CA VAL A 8 19.93 15.71 1.78
C VAL A 8 19.98 14.38 1.02
N SER A 9 20.11 13.29 1.76
CA SER A 9 20.18 11.97 1.15
C SER A 9 18.90 11.15 1.39
N LEU A 10 18.26 10.76 0.28
CA LEU A 10 17.06 9.92 0.36
C LEU A 10 17.43 8.49 0.01
N TYR A 11 17.31 7.59 0.99
CA TYR A 11 17.45 6.15 0.75
C TYR A 11 16.05 5.61 0.51
N THR A 12 15.83 5.04 -0.68
CA THR A 12 14.50 4.63 -1.09
C THR A 12 14.49 3.21 -1.69
N THR A 13 13.50 2.42 -1.28
CA THR A 13 13.26 1.10 -1.91
C THR A 13 12.33 1.23 -3.12
N ARG A 14 11.81 2.45 -3.31
N ARG A 14 11.80 2.43 -3.37
N ARG A 14 11.79 2.43 -3.33
CA ARG A 14 11.04 2.87 -4.47
CA ARG A 14 10.93 2.64 -4.52
CA ARG A 14 10.96 2.76 -4.50
C ARG A 14 12.00 3.26 -5.58
C ARG A 14 11.69 3.40 -5.61
C ARG A 14 11.85 3.34 -5.59
N GLU A 15 11.74 2.82 -6.80
CA GLU A 15 12.58 3.29 -7.93
C GLU A 15 12.50 4.81 -8.11
N PRO A 16 13.67 5.49 -8.14
CA PRO A 16 13.69 6.96 -8.24
C PRO A 16 12.91 7.51 -9.44
N LYS A 17 12.64 6.67 -10.44
CA LYS A 17 11.79 7.05 -11.58
C LYS A 17 10.40 7.52 -11.13
N LEU A 18 9.85 6.89 -10.10
CA LEU A 18 8.55 7.29 -9.56
C LEU A 18 8.57 8.68 -8.92
N ILE A 19 9.76 9.17 -8.58
CA ILE A 19 9.82 10.38 -7.76
C ILE A 19 10.83 11.44 -8.23
N GLN A 20 11.57 11.17 -9.30
CA GLN A 20 12.63 12.10 -9.71
C GLN A 20 12.14 13.52 -10.05
N PRO A 21 11.06 13.66 -10.84
CA PRO A 21 10.57 15.02 -11.10
C PRO A 21 10.23 15.82 -9.83
N LEU A 22 9.55 15.19 -8.87
CA LEU A 22 9.21 15.90 -7.65
C LEU A 22 10.44 16.20 -6.79
N LEU A 23 11.44 15.32 -6.82
CA LEU A 23 12.71 15.58 -6.11
C LEU A 23 13.49 16.72 -6.77
N ASP A 24 13.47 16.72 -8.10
CA ASP A 24 14.11 17.80 -8.86
C ASP A 24 13.46 19.15 -8.56
N ALA A 25 12.14 19.17 -8.40
CA ALA A 25 11.44 20.42 -8.07
C ALA A 25 11.87 20.92 -6.70
N PHE A 26 11.94 20.00 -5.73
CA PHE A 26 12.38 20.34 -4.38
C PHE A 26 13.79 20.94 -4.40
N ALA A 27 14.68 20.28 -5.13
CA ALA A 27 16.05 20.75 -5.22
C ALA A 27 16.16 22.12 -5.87
N LYS A 28 15.43 22.32 -6.98
CA LYS A 28 15.45 23.60 -7.69
C LYS A 28 14.96 24.72 -6.79
N ASP A 29 13.82 24.49 -6.15
CA ASP A 29 13.16 25.52 -5.38
C ASP A 29 13.85 25.84 -4.07
N SER A 30 14.40 24.82 -3.42
CA SER A 30 15.04 24.98 -2.12
C SER A 30 16.53 25.30 -2.20
N GLY A 31 17.18 24.89 -3.29
CA GLY A 31 18.64 24.98 -3.38
C GLY A 31 19.38 23.83 -2.71
N ILE A 32 18.61 22.87 -2.18
CA ILE A 32 19.18 21.71 -1.50
C ILE A 32 19.34 20.55 -2.49
N LYS A 33 20.58 20.10 -2.66
CA LYS A 33 20.87 18.96 -3.54
C LYS A 33 20.27 17.71 -2.92
N VAL A 34 19.49 16.96 -3.71
CA VAL A 34 18.96 15.70 -3.23
C VAL A 34 19.80 14.55 -3.79
N ASN A 35 20.35 13.74 -2.90
CA ASN A 35 21.05 12.52 -3.29
C ASN A 35 20.08 11.37 -3.17
N THR A 36 19.76 10.74 -4.28
CA THR A 36 18.86 9.57 -4.26
C THR A 36 19.69 8.31 -4.24
N VAL A 37 19.45 7.49 -3.22
CA VAL A 37 20.10 6.19 -3.07
C VAL A 37 19.03 5.11 -3.15
N PHE A 38 19.03 4.38 -4.27
CA PHE A 38 18.08 3.29 -4.48
C PHE A 38 18.60 2.03 -3.80
N VAL A 39 17.81 1.52 -2.87
CA VAL A 39 18.12 0.30 -2.11
C VAL A 39 17.02 -0.72 -2.40
N LYS A 40 17.25 -1.59 -3.39
CA LYS A 40 16.24 -2.55 -3.85
C LYS A 40 15.67 -3.45 -2.74
N ASP A 41 16.55 -3.98 -1.88
CA ASP A 41 16.10 -4.71 -0.69
C ASP A 41 17.13 -4.58 0.43
N GLY A 42 16.72 -4.94 1.65
CA GLY A 42 17.59 -4.89 2.81
C GLY A 42 17.96 -3.48 3.24
N LEU A 43 16.96 -2.60 3.23
CA LEU A 43 17.16 -1.22 3.66
C LEU A 43 17.59 -1.14 5.12
N LEU A 44 16.88 -1.84 6.00
CA LEU A 44 17.25 -1.90 7.42
C LEU A 44 18.70 -2.30 7.60
N GLU A 45 19.10 -3.37 6.92
CA GLU A 45 20.43 -3.93 7.08
C GLU A 45 21.51 -2.97 6.59
N ARG A 46 21.27 -2.30 5.47
CA ARG A 46 22.23 -1.34 4.93
C ARG A 46 22.47 -0.15 5.85
N VAL A 47 21.39 0.46 6.34
CA VAL A 47 21.52 1.61 7.24
C VAL A 47 22.19 1.21 8.56
N ARG A 48 21.83 0.06 9.11
CA ARG A 48 22.47 -0.46 10.32
C ARG A 48 23.98 -0.65 10.13
N ALA A 49 24.36 -1.24 9.00
CA ALA A 49 25.76 -1.55 8.67
C ALA A 49 26.59 -0.29 8.48
N GLU A 50 25.94 0.77 8.01
CA GLU A 50 26.62 2.04 7.78
C GLU A 50 26.85 2.77 9.11
N GLY A 51 26.09 2.40 10.13
CA GLY A 51 26.30 2.88 11.50
C GLY A 51 26.06 4.35 11.75
N ASP A 52 26.75 4.88 12.76
CA ASP A 52 26.55 6.26 13.22
C ASP A 52 26.83 7.33 12.17
N LYS A 53 27.69 7.00 11.20
CA LYS A 53 28.06 7.95 10.17
C LYS A 53 27.35 7.70 8.83
N SER A 54 26.32 6.86 8.84
CA SER A 54 25.52 6.65 7.65
C SER A 54 25.03 7.99 7.07
N PRO A 55 25.22 8.20 5.76
CA PRO A 55 24.74 9.41 5.07
C PRO A 55 23.22 9.56 5.00
N ALA A 56 22.48 8.49 5.31
CA ALA A 56 21.02 8.50 5.15
C ALA A 56 20.35 9.61 5.95
N ASP A 57 19.50 10.38 5.28
CA ASP A 57 18.69 11.43 5.91
C ASP A 57 17.23 11.02 6.06
N VAL A 58 16.65 10.55 4.95
CA VAL A 58 15.24 10.12 4.91
C VAL A 58 15.20 8.71 4.34
N LEU A 59 14.41 7.87 5.01
CA LEU A 59 14.22 6.48 4.57
C LEU A 59 12.83 6.35 4.02
N MET A 60 12.71 5.83 2.79
CA MET A 60 11.41 5.71 2.13
C MET A 60 11.20 4.26 1.72
N THR A 61 10.03 3.72 2.03
CA THR A 61 9.77 2.32 1.68
C THR A 61 8.27 2.09 1.47
N VAL A 62 7.93 0.86 1.14
CA VAL A 62 6.53 0.44 0.93
C VAL A 62 6.22 -0.68 1.92
N ASP A 63 4.97 -0.66 2.42
CA ASP A 63 4.38 -1.61 3.36
C ASP A 63 4.62 -1.16 4.79
N ILE A 64 3.54 -1.07 5.55
CA ILE A 64 3.60 -0.65 6.93
C ILE A 64 4.54 -1.50 7.78
N GLY A 65 4.54 -2.81 7.54
CA GLY A 65 5.49 -3.68 8.24
C GLY A 65 6.94 -3.34 8.00
N ASN A 66 7.28 -3.03 6.74
N ASN A 66 7.30 -3.04 6.75
CA ASN A 66 8.64 -2.64 6.37
CA ASN A 66 8.69 -2.66 6.47
C ASN A 66 9.06 -1.36 7.06
C ASN A 66 9.04 -1.38 7.19
N LEU A 67 8.11 -0.43 7.18
CA LEU A 67 8.35 0.85 7.82
C LEU A 67 8.54 0.69 9.33
N ILE A 68 7.62 -0.03 9.97
CA ILE A 68 7.76 -0.32 11.40
C ILE A 68 9.02 -1.15 11.73
N ASP A 69 9.44 -2.03 10.82
CA ASP A 69 10.69 -2.77 11.00
C ASP A 69 11.89 -1.83 11.07
N LEU A 70 11.86 -0.73 10.31
CA LEU A 70 12.93 0.26 10.37
C LEU A 70 12.97 0.93 11.74
N VAL A 71 11.80 1.29 12.26
CA VAL A 71 11.69 1.94 13.57
C VAL A 71 12.12 0.99 14.68
N ASN A 72 11.54 -0.21 14.68
CA ASN A 72 11.91 -1.23 15.66
C ASN A 72 13.38 -1.66 15.55
N GLY A 73 13.95 -1.54 14.35
CA GLY A 73 15.36 -1.85 14.13
C GLY A 73 16.35 -0.73 14.48
N GLY A 74 15.85 0.36 15.07
CA GLY A 74 16.69 1.45 15.58
C GLY A 74 17.38 2.33 14.56
N VAL A 75 16.85 2.40 13.34
CA VAL A 75 17.49 3.20 12.29
C VAL A 75 16.74 4.49 11.95
N THR A 76 15.79 4.84 12.79
CA THR A 76 14.99 6.06 12.65
C THR A 76 15.11 6.96 13.89
N GLN A 77 14.72 8.22 13.75
CA GLN A 77 14.54 9.09 14.91
C GLN A 77 13.17 9.77 14.91
N LYS A 78 12.74 10.19 16.10
CA LYS A 78 11.50 10.89 16.28
C LYS A 78 11.67 12.33 15.83
N ILE A 79 10.63 12.89 15.22
CA ILE A 79 10.66 14.29 14.85
C ILE A 79 9.36 14.95 15.27
N GLN A 80 9.43 16.28 15.37
CA GLN A 80 8.28 17.10 15.68
C GLN A 80 8.00 17.95 14.46
N SER A 81 6.77 17.85 13.95
CA SER A 81 6.38 18.61 12.79
C SER A 81 4.89 18.81 12.79
N GLN A 82 4.47 20.05 13.00
CA GLN A 82 3.08 20.41 12.81
C GLN A 82 2.63 20.23 11.35
N THR A 83 3.55 20.41 10.41
CA THR A 83 3.22 20.25 9.00
C THR A 83 2.82 18.81 8.73
N LEU A 84 3.65 17.88 9.19
CA LEU A 84 3.39 16.47 8.94
C LEU A 84 2.19 15.99 9.74
N ASP A 85 2.11 16.35 11.02
CA ASP A 85 0.99 15.85 11.84
C ASP A 85 -0.37 16.38 11.40
N SER A 86 -0.40 17.59 10.87
CA SER A 86 -1.66 18.14 10.42
C SER A 86 -2.10 17.64 9.04
N VAL A 87 -1.16 17.06 8.28
CA VAL A 87 -1.48 16.53 6.96
C VAL A 87 -1.83 15.04 7.04
N VAL A 88 -1.04 14.28 7.79
CA VAL A 88 -1.16 12.82 7.81
C VAL A 88 -2.12 12.45 8.93
N PRO A 89 -3.24 11.77 8.60
CA PRO A 89 -4.17 11.36 9.65
C PRO A 89 -3.46 10.54 10.72
N ALA A 90 -3.94 10.66 11.96
CA ALA A 90 -3.29 10.02 13.08
C ALA A 90 -3.14 8.51 12.90
N ASN A 91 -4.13 7.87 12.29
CA ASN A 91 -4.03 6.42 12.14
C ASN A 91 -2.97 5.97 11.12
N LEU A 92 -2.42 6.95 10.41
CA LEU A 92 -1.46 6.70 9.34
C LEU A 92 -0.08 7.29 9.62
N ARG A 93 0.20 7.54 10.89
CA ARG A 93 1.54 7.98 11.29
C ARG A 93 1.86 7.38 12.64
N GLY A 94 3.15 7.25 12.92
CA GLY A 94 3.57 6.74 14.22
C GLY A 94 3.59 7.83 15.27
N ALA A 95 3.50 7.42 16.53
CA ALA A 95 3.60 8.35 17.66
C ALA A 95 4.88 9.18 17.59
N GLU A 96 4.75 10.45 17.95
CA GLU A 96 5.87 11.41 18.05
C GLU A 96 6.82 11.38 16.86
N GLY A 97 6.20 11.30 15.68
CA GLY A 97 6.89 11.52 14.43
C GLY A 97 7.88 10.43 14.07
N SER A 98 7.58 9.19 14.47
CA SER A 98 8.45 8.06 14.19
C SER A 98 8.43 7.56 12.73
N TRP A 99 7.29 7.71 12.07
CA TRP A 99 7.12 7.33 10.66
C TRP A 99 5.82 7.98 10.17
N TYR A 100 5.73 8.16 8.86
CA TYR A 100 4.59 8.81 8.22
C TYR A 100 4.19 8.13 6.93
N ALA A 101 2.89 7.87 6.76
CA ALA A 101 2.41 7.44 5.43
C ALA A 101 2.52 8.59 4.42
N LEU A 102 2.85 8.23 3.18
CA LEU A 102 2.92 9.19 2.08
C LEU A 102 1.89 8.91 0.99
N SER A 103 1.47 7.66 0.86
CA SER A 103 0.39 7.31 -0.07
C SER A 103 -0.31 6.08 0.45
N LEU A 104 -1.53 5.89 -0.03
CA LEU A 104 -2.38 4.76 0.35
C LEU A 104 -2.52 3.75 -0.80
N ARG A 105 -2.46 2.49 -0.43
CA ARG A 105 -2.58 1.36 -1.34
C ARG A 105 -3.75 0.49 -0.87
N ASP A 106 -4.94 0.84 -1.37
CA ASP A 106 -6.15 0.15 -0.99
C ASP A 106 -6.31 -1.19 -1.71
N ARG A 107 -6.72 -2.19 -0.95
CA ARG A 107 -6.94 -3.53 -1.50
C ARG A 107 -8.44 -3.72 -1.72
N VAL A 108 -8.82 -3.86 -2.99
CA VAL A 108 -10.21 -3.71 -3.42
C VAL A 108 -10.67 -4.96 -4.14
N LEU A 109 -11.92 -4.92 -4.60
CA LEU A 109 -12.48 -6.02 -5.37
C LEU A 109 -12.52 -5.64 -6.84
N TYR A 110 -11.84 -6.41 -7.67
CA TYR A 110 -12.01 -6.32 -9.12
C TYR A 110 -13.28 -7.09 -9.44
N VAL A 111 -14.10 -6.52 -10.31
CA VAL A 111 -15.43 -7.08 -10.58
C VAL A 111 -15.65 -7.05 -12.10
N GLU A 112 -16.15 -8.14 -12.66
CA GLU A 112 -16.54 -8.15 -14.07
C GLU A 112 -17.40 -6.91 -14.32
N LYS A 113 -17.13 -6.19 -15.42
CA LYS A 113 -17.65 -4.83 -15.56
C LYS A 113 -19.18 -4.69 -15.46
N ASP A 114 -19.91 -5.74 -15.84
CA ASP A 114 -21.37 -5.64 -15.85
C ASP A 114 -22.03 -6.44 -14.74
N LEU A 115 -21.25 -6.99 -13.83
CA LEU A 115 -21.83 -7.72 -12.72
C LEU A 115 -22.66 -6.79 -11.85
N LYS A 116 -23.85 -7.24 -11.44
CA LYS A 116 -24.67 -6.47 -10.53
C LYS A 116 -24.10 -6.62 -9.12
N LEU A 117 -23.19 -5.71 -8.79
CA LEU A 117 -22.54 -5.67 -7.49
C LEU A 117 -22.03 -4.24 -7.28
N ASP A 118 -22.70 -3.50 -6.41
CA ASP A 118 -22.39 -2.07 -6.21
C ASP A 118 -21.61 -1.77 -4.93
N SER A 119 -21.62 -2.71 -3.98
CA SER A 119 -20.91 -2.57 -2.71
C SER A 119 -20.51 -3.95 -2.23
N PHE A 120 -19.67 -3.99 -1.20
CA PHE A 120 -19.13 -5.27 -0.74
C PHE A 120 -18.52 -5.07 0.62
N ARG A 121 -18.71 -6.05 1.48
CA ARG A 121 -17.91 -6.17 2.69
C ARG A 121 -16.85 -7.24 2.47
N TYR A 122 -15.66 -7.11 3.07
CA TYR A 122 -14.64 -8.13 2.86
C TYR A 122 -15.17 -9.50 3.19
N GLY A 123 -15.97 -9.58 4.25
CA GLY A 123 -16.53 -10.85 4.67
C GLY A 123 -17.38 -11.52 3.60
N ASP A 124 -17.93 -10.73 2.66
CA ASP A 124 -18.81 -11.28 1.62
C ASP A 124 -18.09 -12.24 0.68
N LEU A 125 -16.76 -12.13 0.62
CA LEU A 125 -15.99 -12.97 -0.27
C LEU A 125 -16.11 -14.46 0.09
N ALA A 126 -16.48 -14.75 1.34
CA ALA A 126 -16.64 -16.13 1.78
C ALA A 126 -18.06 -16.65 1.56
N ASP A 127 -18.96 -15.83 1.01
CA ASP A 127 -20.34 -16.32 0.80
C ASP A 127 -20.28 -17.55 -0.12
N PRO A 128 -20.97 -18.66 0.29
CA PRO A 128 -21.01 -19.86 -0.55
C PRO A 128 -21.38 -19.63 -2.02
N LYS A 129 -22.14 -18.58 -2.32
CA LYS A 129 -22.56 -18.34 -3.71
C LYS A 129 -21.39 -17.97 -4.63
N TRP A 130 -20.25 -17.57 -4.04
CA TRP A 130 -19.12 -17.20 -4.90
C TRP A 130 -18.26 -18.40 -5.23
N LYS A 131 -18.72 -19.62 -4.93
CA LYS A 131 -17.90 -20.79 -5.19
C LYS A 131 -17.51 -20.89 -6.66
N GLY A 132 -16.21 -21.04 -6.91
CA GLY A 132 -15.67 -21.18 -8.26
C GLY A 132 -15.57 -19.86 -9.01
N LYS A 133 -15.78 -18.74 -8.29
CA LYS A 133 -15.94 -17.42 -8.94
C LYS A 133 -14.94 -16.37 -8.46
N VAL A 134 -14.03 -16.78 -7.58
CA VAL A 134 -13.06 -15.85 -6.96
C VAL A 134 -11.63 -16.12 -7.44
N CYS A 135 -10.94 -15.04 -7.81
CA CYS A 135 -9.50 -15.10 -8.06
C CYS A 135 -8.75 -14.29 -7.00
N ILE A 136 -7.59 -14.83 -6.59
CA ILE A 136 -6.69 -14.14 -5.67
C ILE A 136 -5.29 -14.72 -5.80
N ARG A 137 -4.28 -13.89 -5.54
CA ARG A 137 -2.91 -14.39 -5.48
C ARG A 137 -2.67 -15.12 -4.16
N SER A 138 -1.47 -15.67 -4.00
CA SER A 138 -1.09 -16.39 -2.79
C SER A 138 -1.52 -15.69 -1.52
N GLY A 139 -2.12 -16.44 -0.59
CA GLY A 139 -2.51 -15.89 0.70
C GLY A 139 -1.35 -15.43 1.56
N GLN A 140 -0.15 -15.89 1.24
CA GLN A 140 1.06 -15.49 1.94
C GLN A 140 1.71 -14.25 1.37
N HIS A 141 1.22 -13.76 0.23
CA HIS A 141 1.79 -12.51 -0.29
C HIS A 141 1.53 -11.37 0.69
N PRO A 142 2.52 -10.49 0.91
CA PRO A 142 2.30 -9.36 1.82
C PRO A 142 1.00 -8.58 1.63
N TYR A 143 0.54 -8.41 0.40
CA TYR A 143 -0.71 -7.64 0.23
C TYR A 143 -1.85 -8.35 0.94
N ASN A 144 -1.84 -9.67 0.90
CA ASN A 144 -2.91 -10.44 1.52
C ASN A 144 -2.72 -10.61 3.01
N THR A 145 -1.49 -10.86 3.47
CA THR A 145 -1.31 -11.02 4.91
C THR A 145 -1.62 -9.74 5.65
N ALA A 146 -1.37 -8.58 5.03
CA ALA A 146 -1.77 -7.32 5.66
C ALA A 146 -3.29 -7.23 5.84
N LEU A 147 -4.03 -7.68 4.81
CA LEU A 147 -5.49 -7.62 4.90
C LEU A 147 -6.01 -8.58 5.97
N VAL A 148 -5.43 -9.77 6.01
CA VAL A 148 -5.81 -10.77 7.00
C VAL A 148 -5.47 -10.25 8.41
N ALA A 149 -4.33 -9.59 8.57
CA ALA A 149 -3.96 -9.02 9.87
C ALA A 149 -4.99 -7.98 10.34
N ALA A 150 -5.42 -7.10 9.43
CA ALA A 150 -6.47 -6.12 9.73
C ALA A 150 -7.77 -6.82 10.11
N MET A 151 -8.10 -7.91 9.41
CA MET A 151 -9.33 -8.64 9.72
C MET A 151 -9.25 -9.23 11.13
N ILE A 152 -8.09 -9.71 11.54
CA ILE A 152 -7.96 -10.24 12.93
C ILE A 152 -8.21 -9.09 13.91
N ALA A 153 -7.58 -7.94 13.65
CA ALA A 153 -7.73 -6.77 14.52
C ALA A 153 -9.19 -6.36 14.68
N HIS A 154 -9.93 -6.36 13.57
CA HIS A 154 -11.35 -6.01 13.58
C HIS A 154 -12.27 -7.11 14.14
N ASP A 155 -12.11 -8.32 13.63
CA ASP A 155 -13.11 -9.40 13.80
C ASP A 155 -12.67 -10.58 14.65
N GLY A 156 -11.40 -10.66 14.97
CA GLY A 156 -10.85 -11.75 15.77
C GLY A 156 -10.37 -12.93 14.94
N ALA A 157 -9.60 -13.81 15.55
CA ALA A 157 -8.96 -14.92 14.86
C ALA A 157 -9.96 -15.98 14.39
N GLU A 158 -11.00 -16.22 15.19
CA GLU A 158 -11.98 -17.24 14.83
C GLU A 158 -12.74 -16.83 13.57
N ALA A 159 -13.21 -15.58 13.51
CA ALA A 159 -13.94 -15.11 12.34
C ALA A 159 -13.02 -15.08 11.12
N THR A 160 -11.78 -14.66 11.35
CA THR A 160 -10.80 -14.56 10.25
C THR A 160 -10.46 -15.93 9.66
N GLU A 161 -10.28 -16.92 10.53
CA GLU A 161 -10.06 -18.28 10.04
C GLU A 161 -11.25 -18.80 9.18
N LYS A 162 -12.47 -18.54 9.62
N LYS A 162 -12.47 -18.57 9.65
N LYS A 162 -12.47 -18.57 9.64
CA LYS A 162 -13.67 -18.98 8.90
CA LYS A 162 -13.67 -18.98 8.94
CA LYS A 162 -13.64 -19.01 8.89
C LYS A 162 -13.82 -18.28 7.57
C LYS A 162 -13.68 -18.33 7.56
C LYS A 162 -13.71 -18.32 7.54
N TRP A 163 -13.39 -17.03 7.52
CA TRP A 163 -13.37 -16.28 6.27
C TRP A 163 -12.33 -16.91 5.32
N LEU A 164 -11.13 -17.17 5.84
CA LEU A 164 -10.08 -17.75 5.02
C LEU A 164 -10.48 -19.11 4.43
N ARG A 165 -11.11 -19.95 5.24
CA ARG A 165 -11.57 -21.25 4.75
C ARG A 165 -12.66 -21.09 3.69
N GLY A 166 -13.57 -20.14 3.89
CA GLY A 166 -14.63 -19.88 2.91
C GLY A 166 -14.12 -19.35 1.58
N VAL A 167 -13.19 -18.40 1.67
CA VAL A 167 -12.55 -17.85 0.47
C VAL A 167 -11.75 -18.94 -0.25
N LYS A 168 -10.94 -19.70 0.49
CA LYS A 168 -10.21 -20.81 -0.14
C LYS A 168 -11.18 -21.72 -0.90
N ALA A 169 -12.31 -22.05 -0.26
CA ALA A 169 -13.29 -22.95 -0.88
C ALA A 169 -13.86 -22.36 -2.16
N ASN A 170 -13.87 -21.03 -2.25
CA ASN A 170 -14.47 -20.31 -3.38
C ASN A 170 -13.52 -20.04 -4.55
N LEU A 171 -12.24 -20.35 -4.38
CA LEU A 171 -11.28 -19.99 -5.44
C LEU A 171 -11.52 -20.72 -6.74
N ALA A 172 -11.41 -20.00 -7.85
CA ALA A 172 -11.59 -20.57 -9.18
C ALA A 172 -10.34 -21.30 -9.66
N ARG A 173 -9.19 -20.89 -9.12
CA ARG A 173 -7.91 -21.52 -9.43
C ARG A 173 -6.99 -21.27 -8.23
N LYS A 174 -5.83 -21.94 -8.20
CA LYS A 174 -4.95 -21.86 -7.04
C LYS A 174 -4.53 -20.42 -6.78
N ALA A 175 -4.36 -20.11 -5.50
CA ALA A 175 -3.88 -18.80 -5.09
C ALA A 175 -2.40 -18.65 -5.46
N ALA A 176 -2.17 -17.96 -6.58
CA ALA A 176 -0.83 -17.83 -7.15
C ALA A 176 -0.88 -16.67 -8.14
N GLY A 177 0.27 -16.39 -8.78
CA GLY A 177 0.32 -15.29 -9.74
C GLY A 177 0.32 -13.94 -9.05
N GLY A 178 -0.10 -12.92 -9.79
CA GLY A 178 -0.08 -11.56 -9.27
C GLY A 178 -1.45 -10.91 -9.30
N ASP A 179 -1.49 -9.64 -8.91
CA ASP A 179 -2.76 -8.94 -8.80
C ASP A 179 -3.39 -8.72 -10.17
N ARG A 180 -2.61 -8.36 -11.18
CA ARG A 180 -3.20 -8.09 -12.48
C ARG A 180 -3.73 -9.37 -13.14
N ASP A 181 -3.17 -10.53 -12.78
CA ASP A 181 -3.73 -11.83 -13.22
C ASP A 181 -5.21 -11.96 -12.83
N VAL A 182 -5.65 -11.28 -11.77
CA VAL A 182 -7.04 -11.32 -11.36
C VAL A 182 -7.88 -10.70 -12.49
N ALA A 183 -7.42 -9.56 -13.04
CA ALA A 183 -8.15 -8.92 -14.13
C ALA A 183 -8.14 -9.76 -15.41
N ARG A 184 -6.98 -10.34 -15.72
CA ARG A 184 -6.88 -11.23 -16.86
C ARG A 184 -7.92 -12.35 -16.76
N ASP A 185 -8.05 -12.92 -15.57
CA ASP A 185 -8.87 -14.11 -15.40
C ASP A 185 -10.35 -13.76 -15.33
N ILE A 186 -10.69 -12.55 -14.88
CA ILE A 186 -12.06 -12.07 -15.01
C ILE A 186 -12.43 -11.90 -16.48
N LEU A 187 -11.55 -11.26 -17.25
CA LEU A 187 -11.73 -11.14 -18.70
C LEU A 187 -11.93 -12.52 -19.32
N GLY A 188 -11.13 -13.48 -18.88
CA GLY A 188 -11.16 -14.84 -19.44
C GLY A 188 -12.35 -15.67 -18.97
N GLY A 189 -13.17 -15.12 -18.07
CA GLY A 189 -14.37 -15.81 -17.60
C GLY A 189 -14.09 -16.91 -16.58
N ILE A 190 -12.86 -16.96 -16.06
CA ILE A 190 -12.42 -17.92 -15.04
C ILE A 190 -13.01 -17.57 -13.68
N CYS A 191 -13.13 -16.27 -13.40
CA CYS A 191 -13.72 -15.81 -12.16
C CYS A 191 -14.49 -14.54 -12.44
N ASP A 192 -15.37 -14.16 -11.52
CA ASP A 192 -16.17 -12.96 -11.65
C ASP A 192 -15.64 -11.79 -10.80
N ILE A 193 -15.00 -12.12 -9.68
CA ILE A 193 -14.50 -11.12 -8.75
C ILE A 193 -13.16 -11.59 -8.18
N GLY A 194 -12.38 -10.66 -7.62
CA GLY A 194 -11.16 -11.05 -6.93
C GLY A 194 -10.62 -9.90 -6.13
N LEU A 195 -9.76 -10.20 -5.16
CA LEU A 195 -9.11 -9.13 -4.38
C LEU A 195 -7.76 -8.80 -5.00
N ALA A 196 -7.50 -7.51 -5.15
CA ALA A 196 -6.26 -7.00 -5.73
C ALA A 196 -6.15 -5.51 -5.46
N ASN A 197 -4.96 -4.94 -5.62
CA ASN A 197 -4.80 -3.53 -5.29
C ASN A 197 -5.35 -2.58 -6.35
N ALA A 198 -6.01 -1.52 -5.89
CA ALA A 198 -6.61 -0.56 -6.80
C ALA A 198 -5.61 0.08 -7.79
N TYR A 199 -4.38 0.35 -7.33
CA TYR A 199 -3.46 1.10 -8.20
C TYR A 199 -3.14 0.34 -9.49
N TYR A 200 -3.20 -1.01 -9.46
CA TYR A 200 -2.98 -1.76 -10.71
C TYR A 200 -4.05 -1.45 -11.76
N VAL A 201 -5.25 -1.11 -11.29
CA VAL A 201 -6.34 -0.75 -12.20
C VAL A 201 -6.05 0.63 -12.79
N GLY A 202 -5.42 1.51 -12.00
CA GLY A 202 -4.89 2.78 -12.51
C GLY A 202 -3.96 2.51 -13.67
N HIS A 203 -3.02 1.57 -13.50
CA HIS A 203 -2.10 1.23 -14.58
C HIS A 203 -2.81 0.66 -15.79
N MET A 204 -3.71 -0.30 -15.58
CA MET A 204 -4.31 -1.00 -16.70
C MET A 204 -5.27 -0.10 -17.47
N LYS A 205 -6.13 0.63 -16.77
CA LYS A 205 -7.11 1.48 -17.47
C LYS A 205 -6.48 2.69 -18.15
N ASN A 206 -5.32 3.11 -17.66
CA ASN A 206 -4.59 4.19 -18.33
C ASN A 206 -3.69 3.72 -19.46
N ALA A 207 -3.58 2.40 -19.63
CA ALA A 207 -2.79 1.89 -20.76
C ALA A 207 -3.53 2.20 -22.07
N GLU A 208 -2.78 2.31 -23.15
CA GLU A 208 -3.38 2.69 -24.43
C GLU A 208 -4.17 1.52 -25.04
N PRO A 209 -5.27 1.83 -25.73
CA PRO A 209 -5.94 0.77 -26.49
C PRO A 209 -4.97 0.08 -27.43
N GLY A 210 -5.15 -1.23 -27.58
CA GLY A 210 -4.23 -2.02 -28.39
C GLY A 210 -3.19 -2.71 -27.56
N THR A 211 -3.24 -2.55 -26.24
CA THR A 211 -2.41 -3.31 -25.30
C THR A 211 -3.26 -4.34 -24.58
N ASP A 212 -2.63 -5.45 -24.19
CA ASP A 212 -3.32 -6.40 -23.32
C ASP A 212 -3.69 -5.73 -21.98
N ALA A 213 -2.85 -4.84 -21.48
CA ALA A 213 -3.14 -4.16 -20.21
C ALA A 213 -4.47 -3.42 -20.27
N ARG A 214 -4.70 -2.68 -21.36
CA ARG A 214 -5.96 -1.93 -21.48
C ARG A 214 -7.16 -2.87 -21.69
N LYS A 215 -6.94 -4.00 -22.36
CA LYS A 215 -8.01 -4.97 -22.52
C LYS A 215 -8.44 -5.53 -21.16
N TRP A 216 -7.46 -5.83 -20.32
CA TRP A 216 -7.78 -6.30 -18.95
C TRP A 216 -8.48 -5.20 -18.15
N GLY A 217 -7.98 -3.96 -18.28
CA GLY A 217 -8.57 -2.83 -17.56
C GLY A 217 -10.02 -2.62 -17.96
N ASP A 218 -10.29 -2.69 -19.27
CA ASP A 218 -11.65 -2.46 -19.75
C ASP A 218 -12.63 -3.53 -19.27
N ALA A 219 -12.11 -4.71 -18.92
CA ALA A 219 -12.97 -5.85 -18.57
C ALA A 219 -13.57 -5.74 -17.19
N ILE A 220 -13.02 -4.83 -16.37
CA ILE A 220 -13.35 -4.83 -14.93
C ILE A 220 -13.74 -3.45 -14.45
N LYS A 221 -14.41 -3.44 -13.30
CA LYS A 221 -14.62 -2.26 -12.51
C LYS A 221 -14.11 -2.52 -11.10
N VAL A 222 -13.94 -1.44 -10.33
CA VAL A 222 -13.52 -1.53 -8.95
C VAL A 222 -14.71 -1.34 -8.02
N VAL A 223 -14.84 -2.22 -7.03
CA VAL A 223 -15.73 -1.98 -5.90
C VAL A 223 -14.81 -2.04 -4.69
N ARG A 224 -14.82 -0.98 -3.87
CA ARG A 224 -13.98 -0.93 -2.67
C ARG A 224 -14.74 -1.56 -1.49
N PRO A 225 -14.31 -2.74 -1.02
CA PRO A 225 -15.03 -3.33 0.11
C PRO A 225 -14.72 -2.59 1.39
N THR A 226 -15.57 -2.78 2.40
CA THR A 226 -15.29 -2.25 3.71
C THR A 226 -15.35 -3.35 4.74
N PHE A 227 -14.79 -3.07 5.90
CA PHE A 227 -14.97 -3.97 7.04
C PHE A 227 -16.36 -3.93 7.70
N ALA A 228 -16.80 -2.74 8.11
CA ALA A 228 -18.06 -2.57 8.83
C ALA A 228 -18.10 -3.31 10.17
N GLY A 233 -17.80 1.76 8.39
CA GLY A 233 -16.78 0.79 8.00
C GLY A 233 -15.94 1.32 6.86
N GLY A 234 -14.67 0.92 6.84
CA GLY A 234 -13.71 1.46 5.88
C GLY A 234 -12.93 0.42 5.11
N THR A 235 -12.30 0.88 4.03
CA THR A 235 -11.51 0.04 3.14
C THR A 235 -10.10 -0.15 3.66
N HIS A 236 -9.59 -1.38 3.51
CA HIS A 236 -8.23 -1.70 3.90
C HIS A 236 -7.23 -0.96 3.04
N VAL A 237 -6.33 -0.23 3.69
CA VAL A 237 -5.18 0.34 3.00
C VAL A 237 -3.86 -0.10 3.60
N ASN A 238 -2.93 -0.43 2.71
CA ASN A 238 -1.54 -0.45 3.08
C ASN A 238 -0.96 0.91 2.64
N ILE A 239 0.34 1.09 2.87
CA ILE A 239 0.94 2.40 2.60
C ILE A 239 2.32 2.33 2.02
N SER A 240 2.75 3.44 1.42
CA SER A 240 4.18 3.75 1.31
C SER A 240 4.41 4.83 2.36
N GLY A 241 5.66 4.98 2.80
CA GLY A 241 5.91 5.92 3.88
C GLY A 241 7.36 6.19 4.09
N ALA A 242 7.66 7.02 5.08
CA ALA A 242 9.02 7.44 5.29
C ALA A 242 9.26 7.82 6.73
N ALA A 243 10.55 7.95 7.07
CA ALA A 243 10.99 8.32 8.40
C ALA A 243 12.34 8.98 8.27
N VAL A 244 12.69 9.81 9.26
CA VAL A 244 14.03 10.41 9.30
C VAL A 244 14.98 9.38 9.90
N ALA A 245 16.14 9.20 9.27
CA ALA A 245 17.12 8.22 9.73
C ALA A 245 17.72 8.60 11.09
N ALA A 246 18.07 7.60 11.89
CA ALA A 246 18.53 7.80 13.28
C ALA A 246 19.72 8.77 13.37
N HIS A 247 20.61 8.70 12.39
CA HIS A 247 21.84 9.50 12.41
C HIS A 247 21.95 10.50 11.25
N ALA A 248 20.79 10.94 10.74
CA ALA A 248 20.74 11.91 9.65
C ALA A 248 21.77 13.03 9.82
N PRO A 249 22.74 13.13 8.91
CA PRO A 249 23.73 14.21 9.00
C PRO A 249 23.19 15.57 8.59
N ASN A 250 22.05 15.59 7.91
CA ASN A 250 21.39 16.83 7.49
C ASN A 250 19.95 16.83 7.99
N LYS A 251 19.79 16.81 9.31
CA LYS A 251 18.46 16.60 9.91
C LYS A 251 17.44 17.68 9.53
N ALA A 252 17.85 18.95 9.57
CA ALA A 252 16.94 20.03 9.20
C ALA A 252 16.46 19.85 7.75
N ASN A 253 17.37 19.48 6.84
CA ASN A 253 17.00 19.26 5.45
C ASN A 253 16.14 18.01 5.28
N ALA A 254 16.40 17.00 6.12
CA ALA A 254 15.61 15.77 6.11
C ALA A 254 14.17 16.10 6.45
N VAL A 255 13.97 16.92 7.48
CA VAL A 255 12.60 17.29 7.87
C VAL A 255 11.97 18.15 6.76
N LYS A 256 12.76 19.05 6.18
CA LYS A 256 12.26 19.84 5.06
C LYS A 256 11.80 18.94 3.91
N LEU A 257 12.58 17.92 3.58
CA LEU A 257 12.21 17.02 2.49
C LEU A 257 10.95 16.24 2.83
N LEU A 258 10.89 15.69 4.04
CA LEU A 258 9.70 14.94 4.45
C LEU A 258 8.44 15.81 4.46
N GLU A 259 8.57 17.04 4.96
CA GLU A 259 7.46 17.99 4.92
C GLU A 259 7.06 18.28 3.48
N TYR A 260 8.04 18.41 2.59
CA TYR A 260 7.76 18.64 1.19
C TYR A 260 6.98 17.45 0.60
N LEU A 261 7.35 16.25 0.99
CA LEU A 261 6.70 15.05 0.44
C LEU A 261 5.19 14.97 0.74
N VAL A 262 4.73 15.70 1.75
CA VAL A 262 3.29 15.75 2.06
C VAL A 262 2.62 17.06 1.61
N SER A 263 3.37 17.91 0.92
CA SER A 263 2.80 19.13 0.37
C SER A 263 1.88 18.80 -0.77
N GLU A 264 0.98 19.71 -1.13
CA GLU A 264 0.03 19.40 -2.20
C GLU A 264 0.72 19.14 -3.53
N PRO A 265 1.62 20.03 -3.99
CA PRO A 265 2.29 19.74 -5.27
C PRO A 265 3.02 18.39 -5.29
N ALA A 266 3.72 18.05 -4.21
CA ALA A 266 4.49 16.80 -4.21
C ALA A 266 3.54 15.63 -4.18
N GLN A 267 2.50 15.72 -3.34
CA GLN A 267 1.53 14.62 -3.19
C GLN A 267 0.84 14.31 -4.50
N THR A 268 0.54 15.36 -5.26
CA THR A 268 -0.14 15.22 -6.55
C THR A 268 0.73 14.35 -7.45
N LEU A 269 2.01 14.68 -7.57
CA LEU A 269 2.95 13.92 -8.39
C LEU A 269 3.25 12.54 -7.81
N TYR A 270 3.43 12.49 -6.50
CA TYR A 270 3.82 11.26 -5.81
C TYR A 270 2.80 10.15 -6.00
N ALA A 271 1.54 10.51 -5.82
CA ALA A 271 0.47 9.50 -5.92
C ALA A 271 0.25 9.12 -7.37
N GLN A 272 0.28 10.09 -8.26
CA GLN A 272 0.05 9.84 -9.70
C GLN A 272 1.08 8.84 -10.23
N ALA A 273 2.28 8.87 -9.68
CA ALA A 273 3.40 8.07 -10.21
C ALA A 273 3.12 6.56 -10.26
N ASN A 274 2.51 6.00 -9.22
CA ASN A 274 2.15 4.58 -9.22
C ASN A 274 0.64 4.42 -9.11
N TYR A 275 -0.10 5.48 -9.44
CA TYR A 275 -1.57 5.47 -9.40
C TYR A 275 -2.16 5.15 -8.03
N GLU A 276 -1.43 5.55 -7.00
CA GLU A 276 -1.84 5.37 -5.62
C GLU A 276 -2.70 6.54 -5.18
N TYR A 277 -3.16 6.47 -3.93
CA TYR A 277 -4.04 7.50 -3.43
C TYR A 277 -3.24 8.38 -2.46
N PRO A 278 -3.30 9.71 -2.64
CA PRO A 278 -2.47 10.56 -1.80
C PRO A 278 -2.95 10.54 -0.36
N VAL A 279 -2.01 10.72 0.57
CA VAL A 279 -2.38 10.80 1.99
C VAL A 279 -3.02 12.14 2.36
N ARG A 280 -2.59 13.21 1.68
CA ARG A 280 -3.05 14.56 1.98
C ARG A 280 -4.44 14.79 1.39
N ALA A 281 -5.34 15.33 2.19
CA ALA A 281 -6.67 15.67 1.71
C ALA A 281 -6.62 16.75 0.62
N GLY A 282 -7.58 16.70 -0.31
CA GLY A 282 -7.72 17.76 -1.29
C GLY A 282 -6.69 17.78 -2.39
N VAL A 283 -6.15 16.62 -2.72
CA VAL A 283 -5.15 16.49 -3.77
C VAL A 283 -5.83 15.90 -5.00
N LYS A 284 -5.58 16.52 -6.15
CA LYS A 284 -6.16 16.07 -7.40
C LYS A 284 -5.74 14.63 -7.71
N LEU A 285 -6.74 13.79 -7.99
CA LEU A 285 -6.49 12.40 -8.27
C LEU A 285 -6.35 12.15 -9.77
N ASP A 286 -5.59 11.11 -10.12
CA ASP A 286 -5.66 10.59 -11.49
C ASP A 286 -7.12 10.30 -11.83
N ALA A 287 -7.50 10.54 -13.08
CA ALA A 287 -8.92 10.42 -13.46
C ALA A 287 -9.47 9.01 -13.26
N VAL A 288 -8.68 7.99 -13.56
CA VAL A 288 -9.10 6.61 -13.34
C VAL A 288 -9.33 6.37 -11.83
N VAL A 289 -8.36 6.77 -11.02
CA VAL A 289 -8.49 6.62 -9.58
C VAL A 289 -9.76 7.34 -9.05
N ALA A 290 -10.00 8.56 -9.53
CA ALA A 290 -11.21 9.28 -9.11
C ALA A 290 -12.47 8.52 -9.51
N SER A 291 -12.42 7.85 -10.65
CA SER A 291 -13.60 7.08 -11.10
C SER A 291 -14.00 5.93 -10.19
N PHE A 292 -13.11 5.51 -9.28
CA PHE A 292 -13.44 4.45 -8.34
C PHE A 292 -14.47 4.90 -7.28
N GLY A 293 -14.72 6.21 -7.22
CA GLY A 293 -15.73 6.74 -6.30
C GLY A 293 -15.11 7.12 -4.97
N PRO A 294 -15.93 7.53 -4.00
CA PRO A 294 -15.40 7.99 -2.72
C PRO A 294 -14.69 6.88 -1.96
N LEU A 295 -13.53 7.21 -1.40
CA LEU A 295 -12.76 6.28 -0.59
C LEU A 295 -13.03 6.56 0.89
N LYS A 296 -13.45 5.54 1.61
CA LYS A 296 -13.53 5.61 3.06
C LYS A 296 -12.38 4.74 3.54
N VAL A 297 -11.42 5.35 4.21
CA VAL A 297 -10.25 4.65 4.70
C VAL A 297 -10.57 4.03 6.06
N ASP A 298 -10.25 2.74 6.21
CA ASP A 298 -10.36 2.08 7.51
C ASP A 298 -9.75 3.00 8.58
N THR A 299 -10.50 3.21 9.65
CA THR A 299 -9.98 4.02 10.79
C THR A 299 -8.94 3.27 11.63
N LEU A 300 -8.83 1.97 11.42
CA LEU A 300 -7.81 1.16 12.09
C LEU A 300 -6.42 1.82 11.97
N PRO A 301 -5.71 1.96 13.09
CA PRO A 301 -4.31 2.37 12.97
C PRO A 301 -3.57 1.31 12.17
N VAL A 302 -2.90 1.73 11.10
CA VAL A 302 -2.22 0.73 10.26
C VAL A 302 -1.11 -0.03 10.99
N ALA A 303 -0.61 0.54 12.10
CA ALA A 303 0.34 -0.18 12.94
C ALA A 303 -0.21 -1.52 13.44
N GLU A 304 -1.54 -1.63 13.57
CA GLU A 304 -2.20 -2.91 13.92
C GLU A 304 -1.90 -4.02 12.92
N ILE A 305 -1.68 -3.64 11.67
CA ILE A 305 -1.37 -4.61 10.63
C ILE A 305 -0.05 -5.29 10.93
N ALA A 306 0.94 -4.52 11.36
CA ALA A 306 2.23 -5.05 11.75
C ALA A 306 2.08 -5.94 13.00
N LYS A 307 1.22 -5.53 13.92
CA LYS A 307 1.02 -6.23 15.19
C LYS A 307 0.50 -7.65 14.93
N TYR A 308 -0.40 -7.78 13.96
CA TYR A 308 -1.07 -9.07 13.73
C TYR A 308 -0.54 -9.84 12.52
N ARG A 309 0.54 -9.36 11.92
CA ARG A 309 1.04 -9.92 10.66
C ARG A 309 1.42 -11.40 10.77
N LYS A 310 2.18 -11.76 11.81
CA LYS A 310 2.64 -13.13 11.98
C LYS A 310 1.46 -14.07 12.25
N GLN A 311 0.55 -13.65 13.12
CA GLN A 311 -0.68 -14.40 13.38
C GLN A 311 -1.48 -14.64 12.09
N ALA A 312 -1.57 -13.60 11.26
CA ALA A 312 -2.28 -13.69 9.98
C ALA A 312 -1.61 -14.73 9.09
N SER A 313 -0.30 -14.65 8.94
CA SER A 313 0.46 -15.61 8.14
C SER A 313 0.27 -17.04 8.62
N GLU A 314 0.23 -17.21 9.94
CA GLU A 314 0.05 -18.54 10.50
C GLU A 314 -1.35 -19.08 10.24
N LEU A 315 -2.36 -18.22 10.26
CA LEU A 315 -3.73 -18.64 9.93
C LEU A 315 -3.84 -19.04 8.47
N VAL A 316 -3.18 -18.31 7.58
CA VAL A 316 -3.20 -18.65 6.17
C VAL A 316 -2.60 -20.04 5.97
N ASP A 317 -1.51 -20.32 6.69
CA ASP A 317 -0.88 -21.65 6.62
C ASP A 317 -1.77 -22.74 7.23
N LYS A 318 -2.40 -22.42 8.37
CA LYS A 318 -3.28 -23.37 9.06
C LYS A 318 -4.36 -23.88 8.13
N VAL A 319 -4.96 -22.97 7.36
CA VAL A 319 -6.09 -23.35 6.49
C VAL A 319 -5.63 -23.95 5.13
N GLY A 320 -4.33 -23.95 4.88
CA GLY A 320 -3.78 -24.43 3.61
C GLY A 320 -4.34 -23.64 2.44
N PHE A 321 -4.34 -22.31 2.60
CA PHE A 321 -4.99 -21.42 1.64
C PHE A 321 -4.48 -21.58 0.22
N ASP A 322 -3.19 -21.88 0.07
CA ASP A 322 -2.56 -21.93 -1.24
C ASP A 322 -2.59 -23.31 -1.88
N ASN A 323 -3.21 -24.28 -1.21
CA ASN A 323 -3.22 -25.63 -1.75
C ASN A 323 -4.11 -25.75 -2.97
FE FE B . 3.03 -5.40 -6.71
C1 OXL C . 1.98 -7.50 -8.41
C2 OXL C . 2.76 -6.67 -9.34
O1 OXL C . 2.12 -7.31 -7.17
O2 OXL C . 3.39 -5.70 -8.85
O3 OXL C . 1.17 -8.34 -8.86
O4 OXL C . 2.74 -6.92 -10.56
C1 OXL D . 5.91 -5.66 -6.58
C2 OXL D . 5.65 -4.23 -6.70
O1 OXL D . 4.93 -6.42 -6.37
O2 OXL D . 4.45 -3.86 -6.71
O3 OXL D . 7.08 -6.10 -6.69
O4 OXL D . 6.60 -3.40 -6.77
#